data_2RVP
#
_entry.id   2RVP
#
loop_
_entity.id
_entity.type
_entity.pdbx_description
1 polymer "DNA (5'-D(*TP*AP*AP*TP*AP*TP*AP*CP*TP*TP*AP*AP*TP*TP*A)-3')"
2 polymer "DNA (5'-D(*TP*AP*AP*TP*TP*AP*AP*CP*TP*AP*TP*AP*TP*TP*A)-3')"
3 non-polymer 'SILVER ION'
#
loop_
_entity_poly.entity_id
_entity_poly.type
_entity_poly.pdbx_seq_one_letter_code
_entity_poly.pdbx_strand_id
1 'polydeoxyribonucleotide' (DT)(DA)(DA)(DT)(DA)(DT)(DA)(DC)(DT)(DT)(DA)(DA)(DT)(DT)(DA) 1
2 'polydeoxyribonucleotide' (DT)(DA)(DA)(DT)(DT)(DA)(DA)(DC)(DT)(DA)(DT)(DA)(DT)(DT)(DA) 2
#
loop_
_chem_comp.id
_chem_comp.type
_chem_comp.name
_chem_comp.formula
AG non-polymer 'SILVER ION' 'Ag 1'
DA DNA linking 2'-DEOXYADENOSINE-5'-MONOPHOSPHATE 'C10 H14 N5 O6 P'
DC DNA linking 2'-DEOXYCYTIDINE-5'-MONOPHOSPHATE 'C9 H14 N3 O7 P'
DT DNA linking THYMIDINE-5'-MONOPHOSPHATE 'C10 H15 N2 O8 P'
#
# COMPACT_ATOMS: atom_id res chain seq x y z
AG AG C . 0.02 0.05 -0.16
AG AG C . 0.01 -0.07 0.53
AG AG C . -0.31 -0.01 -0.52
AG AG C . 0.15 0.13 -0.33
AG AG C . 0.22 0.04 0.13
AG AG C . -0.06 -0.03 -0.42
AG AG C . -0.26 -0.13 0.85
AG AG C . 0.21 0.01 0.31
AG AG C . 0.12 0.09 -0.44
AG AG C . -0.10 -0.07 0.06
#